data_4YIH
#
_entry.id   4YIH
#
_cell.length_a   38.818
_cell.length_b   46.451
_cell.length_c   61.738
_cell.angle_alpha   111.180
_cell.angle_beta   88.160
_cell.angle_gamma   104.700
#
_symmetry.space_group_name_H-M   'P 1'
#
loop_
_entity.id
_entity.type
_entity.pdbx_description
1 polymer "5'(3')-deoxyribonucleotidase, cytosolic type"
2 non-polymer 'MAGNESIUM ION'
3 non-polymer 'PHOSPHATE ION'
4 non-polymer 1-{2-deoxy-3,5-O-[phenyl(phosphono)methylidene]-beta-D-threo-pentofuranosyl}-5-[(E)-2-phosphonoethenyl]pyrimidine-2,4(1H,3H)-dione
5 non-polymer GLYCEROL
6 water water
#
_entity_poly.entity_id   1
_entity_poly.type   'polypeptide(L)'
_entity_poly.pdbx_seq_one_letter_code
;MARSVRVLVDMDGVLADFEAGLLRGFRRRFPEEPHVPLEQRRGFLAREQYRALRPDLADKVASVYEAPGFFLDLEPIPGA
LDAVREMNDLPDTQVFICTSPLLKYHHCVGEKYRWVEQHLGPQFVERIILTRDKTVVLGDLLIDDKDTVRGQEETPSWEH
ILFTCCHNRHLVLPPTRRRLLSWSDNWREILDSKR
;
_entity_poly.pdbx_strand_id   A,B
#
loop_
_chem_comp.id
_chem_comp.type
_chem_comp.name
_chem_comp.formula
2O2 non-polymer 1-{2-deoxy-3,5-O-[phenyl(phosphono)methylidene]-beta-D-threo-pentofuranosyl}-5-[(E)-2-phosphonoethenyl]pyrimidine-2,4(1H,3H)-dione 'C18 H20 N2 O11 P2'
GOL non-polymer GLYCEROL 'C3 H8 O3'
MG non-polymer 'MAGNESIUM ION' 'Mg 2'
PO4 non-polymer 'PHOSPHATE ION' 'O4 P -3'
#
# COMPACT_ATOMS: atom_id res chain seq x y z
N SER A 4 -0.49 18.63 -14.89
CA SER A 4 -1.25 17.80 -13.87
C SER A 4 -0.54 17.72 -12.50
N VAL A 5 -1.28 18.04 -11.45
CA VAL A 5 -0.73 18.07 -10.10
C VAL A 5 -1.18 16.78 -9.36
N ARG A 6 -0.22 16.05 -8.78
CA ARG A 6 -0.54 14.90 -7.93
C ARG A 6 -0.35 15.21 -6.47
N VAL A 7 -1.41 14.97 -5.72
CA VAL A 7 -1.48 15.25 -4.30
C VAL A 7 -1.58 13.93 -3.55
N LEU A 8 -0.67 13.74 -2.62
CA LEU A 8 -0.67 12.56 -1.78
C LEU A 8 -1.26 13.03 -0.48
N VAL A 9 -2.31 12.38 -0.05
CA VAL A 9 -3.02 12.76 1.17
C VAL A 9 -2.95 11.59 2.20
N ASP A 10 -2.32 11.84 3.35
CA ASP A 10 -2.24 10.94 4.47
C ASP A 10 -3.66 10.69 5.02
N MET A 11 -3.82 9.62 5.79
CA MET A 11 -5.06 9.28 6.38
C MET A 11 -5.20 9.77 7.80
N ASP A 12 -4.37 9.22 8.69
CA ASP A 12 -4.49 9.60 10.12
C ASP A 12 -4.16 11.03 10.40
N GLY A 13 -5.09 11.74 11.02
CA GLY A 13 -4.93 13.11 11.33
C GLY A 13 -5.22 14.08 10.19
N VAL A 14 -5.58 13.57 9.02
CA VAL A 14 -5.83 14.41 7.88
C VAL A 14 -7.24 14.10 7.30
N LEU A 15 -7.50 12.81 7.06
CA LEU A 15 -8.84 12.36 6.70
C LEU A 15 -9.61 11.71 7.86
N ALA A 16 -8.89 10.97 8.70
CA ALA A 16 -9.45 10.13 9.75
C ALA A 16 -8.96 10.65 11.10
N ASP A 17 -9.87 10.84 12.03
CA ASP A 17 -9.48 11.48 13.31
C ASP A 17 -8.90 10.45 14.29
N PHE A 18 -7.66 10.10 14.08
CA PHE A 18 -6.98 9.09 14.92
C PHE A 18 -6.88 9.50 16.37
N GLU A 19 -6.54 10.75 16.61
CA GLU A 19 -6.30 11.23 17.98
C GLU A 19 -7.58 11.22 18.78
N ALA A 20 -8.69 11.68 18.19
CA ALA A 20 -9.92 11.68 18.93
C ALA A 20 -10.44 10.25 19.21
N GLY A 21 -10.25 9.36 18.24
CA GLY A 21 -10.60 7.97 18.33
C GLY A 21 -9.78 7.28 19.41
N LEU A 22 -8.51 7.62 19.50
CA LEU A 22 -7.63 6.96 20.46
C LEU A 22 -8.06 7.40 21.86
N LEU A 23 -8.29 8.69 22.03
CA LEU A 23 -8.65 9.21 23.35
C LEU A 23 -10.05 8.68 23.77
N ARG A 24 -11.02 8.63 22.84
CA ARG A 24 -12.35 8.10 23.19
C ARG A 24 -12.25 6.63 23.62
N GLY A 25 -11.47 5.86 22.90
CA GLY A 25 -11.26 4.44 23.15
C GLY A 25 -10.50 4.20 24.44
N PHE A 26 -9.51 5.02 24.74
CA PHE A 26 -8.80 4.94 26.04
C PHE A 26 -9.68 5.30 27.25
N ARG A 27 -10.48 6.36 27.15
CA ARG A 27 -11.36 6.81 28.23
C ARG A 27 -12.41 5.75 28.47
N ARG A 28 -12.93 5.17 27.40
CA ARG A 28 -13.95 4.11 27.52
C ARG A 28 -13.39 2.86 28.17
N ARG A 29 -12.23 2.39 27.72
CA ARG A 29 -11.75 1.15 28.23
C ARG A 29 -10.93 1.25 29.54
N PHE A 30 -10.31 2.41 29.79
CA PHE A 30 -9.46 2.65 30.94
C PHE A 30 -9.88 3.89 31.68
N PRO A 31 -11.14 3.89 32.17
CA PRO A 31 -11.74 5.10 32.71
C PRO A 31 -11.06 5.61 33.98
N GLU A 32 -10.36 4.72 34.70
CA GLU A 32 -9.76 5.10 35.99
C GLU A 32 -8.41 5.74 35.74
N GLU A 33 -7.82 5.44 34.60
CA GLU A 33 -6.46 5.86 34.34
C GLU A 33 -6.33 7.36 33.94
N PRO A 34 -5.21 8.00 34.27
CA PRO A 34 -4.96 9.36 33.75
C PRO A 34 -4.83 9.31 32.20
N HIS A 35 -5.14 10.38 31.54
CA HIS A 35 -5.08 10.44 30.08
C HIS A 35 -4.42 11.71 29.69
N VAL A 36 -4.21 11.88 28.37
CA VAL A 36 -3.66 13.06 27.84
C VAL A 36 -4.78 13.75 27.06
N PRO A 37 -5.21 14.92 27.55
CA PRO A 37 -6.10 15.75 26.73
C PRO A 37 -5.49 16.04 25.38
N LEU A 38 -6.35 16.13 24.34
CA LEU A 38 -5.87 16.41 22.99
C LEU A 38 -5.05 17.65 22.90
N GLU A 39 -5.47 18.70 23.60
CA GLU A 39 -4.72 19.98 23.46
C GLU A 39 -3.33 19.88 24.09
N GLN A 40 -3.13 18.92 24.97
CA GLN A 40 -1.78 18.67 25.56
C GLN A 40 -0.96 17.63 24.80
N ARG A 41 -1.50 17.08 23.71
CA ARG A 41 -0.71 16.13 22.96
C ARG A 41 0.46 16.83 22.35
N ARG A 42 1.61 16.16 22.41
CA ARG A 42 2.78 16.63 21.76
C ARG A 42 3.54 15.48 21.19
N GLY A 43 3.95 15.63 19.93
CA GLY A 43 4.67 14.54 19.26
C GLY A 43 3.69 13.50 18.67
N PHE A 44 3.97 13.06 17.44
CA PHE A 44 3.05 12.19 16.80
C PHE A 44 2.96 10.84 17.52
N LEU A 45 3.91 10.40 18.37
CA LEU A 45 3.81 9.09 19.06
C LEU A 45 3.06 9.22 20.39
N ALA A 46 1.78 8.98 20.31
CA ALA A 46 0.88 9.04 21.51
C ALA A 46 1.31 8.07 22.55
N ARG A 47 1.73 6.87 22.13
CA ARG A 47 2.08 5.89 23.12
C ARG A 47 3.24 6.38 24.01
N GLU A 48 4.21 7.04 23.40
CA GLU A 48 5.37 7.53 24.19
C GLU A 48 5.00 8.66 25.17
N GLN A 49 4.10 9.54 24.82
CA GLN A 49 3.58 10.52 25.79
C GLN A 49 2.82 9.85 26.93
N TYR A 50 2.00 8.81 26.66
CA TYR A 50 1.33 8.06 27.73
C TYR A 50 2.34 7.37 28.62
N ARG A 51 3.40 6.83 28.02
CA ARG A 51 4.49 6.18 28.75
C ARG A 51 5.12 7.16 29.74
N ALA A 52 5.35 8.38 29.28
CA ALA A 52 5.90 9.40 30.15
C ALA A 52 4.92 9.78 31.27
N LEU A 53 3.64 9.79 30.98
CA LEU A 53 2.63 10.07 31.99
C LEU A 53 2.67 9.00 33.06
N ARG A 54 2.71 7.72 32.68
CA ARG A 54 2.95 6.64 33.63
C ARG A 54 3.24 5.36 32.88
N PRO A 55 4.30 4.61 33.25
CA PRO A 55 4.77 3.52 32.35
C PRO A 55 3.72 2.51 31.87
N ASP A 56 2.79 2.08 32.77
CA ASP A 56 1.85 1.05 32.36
C ASP A 56 0.84 1.55 31.32
N LEU A 57 0.79 2.85 31.09
CA LEU A 57 -0.17 3.45 30.15
C LEU A 57 0.27 3.22 28.74
N ALA A 58 1.57 2.98 28.50
CA ALA A 58 2.05 2.74 27.14
C ALA A 58 1.35 1.53 26.50
N ASP A 59 1.29 0.38 27.21
CA ASP A 59 0.65 -0.79 26.61
C ASP A 59 -0.88 -0.65 26.59
N LYS A 60 -1.45 0.12 27.53
CA LYS A 60 -2.89 0.32 27.52
C LYS A 60 -3.30 1.09 26.29
N VAL A 61 -2.59 2.19 25.98
CA VAL A 61 -2.95 2.98 24.84
C VAL A 61 -2.67 2.26 23.55
N ALA A 62 -1.62 1.43 23.49
CA ALA A 62 -1.40 0.57 22.31
C ALA A 62 -2.49 -0.41 22.08
N SER A 63 -2.96 -1.02 23.15
CA SER A 63 -4.08 -1.96 23.03
C SER A 63 -5.34 -1.28 22.38
N VAL A 64 -5.53 0.01 22.56
CA VAL A 64 -6.68 0.69 21.95
C VAL A 64 -6.47 0.73 20.43
N TYR A 65 -5.31 1.21 19.98
CA TYR A 65 -5.17 1.34 18.47
C TYR A 65 -4.79 0.05 17.77
N GLU A 66 -4.38 -0.98 18.52
CA GLU A 66 -4.23 -2.36 17.99
C GLU A 66 -5.50 -3.23 17.99
N ALA A 67 -6.62 -2.70 18.44
CA ALA A 67 -7.79 -3.55 18.61
C ALA A 67 -8.56 -3.64 17.28
N PRO A 68 -9.23 -4.76 17.09
CA PRO A 68 -10.17 -4.85 15.99
C PRO A 68 -11.20 -3.74 16.03
N GLY A 69 -11.50 -3.14 14.88
CA GLY A 69 -12.44 -2.07 14.83
C GLY A 69 -11.84 -0.67 14.95
N PHE A 70 -10.66 -0.50 15.54
CA PHE A 70 -10.21 0.81 15.86
C PHE A 70 -10.13 1.73 14.61
N PHE A 71 -9.42 1.29 13.61
CA PHE A 71 -9.29 2.08 12.39
C PHE A 71 -10.62 2.17 11.63
N LEU A 72 -11.36 1.09 11.64
CA LEU A 72 -12.63 1.05 10.94
C LEU A 72 -13.57 2.11 11.46
N ASP A 73 -13.53 2.33 12.78
CA ASP A 73 -14.52 3.21 13.41
C ASP A 73 -14.14 4.64 13.58
N LEU A 74 -12.95 5.07 13.09
CA LEU A 74 -12.60 6.43 13.24
C LEU A 74 -13.55 7.38 12.49
N GLU A 75 -13.80 8.52 13.11
CA GLU A 75 -14.61 9.60 12.52
C GLU A 75 -13.76 10.38 11.51
N PRO A 76 -14.36 10.82 10.42
CA PRO A 76 -13.62 11.76 9.56
C PRO A 76 -13.25 13.11 10.19
N ILE A 77 -12.12 13.65 9.79
CA ILE A 77 -11.70 14.97 10.12
C ILE A 77 -12.72 15.99 9.51
N PRO A 78 -13.19 17.00 10.29
CA PRO A 78 -14.10 18.02 9.67
C PRO A 78 -13.59 18.57 8.37
N GLY A 79 -14.44 18.57 7.38
CA GLY A 79 -14.16 19.14 6.13
C GLY A 79 -13.34 18.28 5.18
N ALA A 80 -12.76 17.20 5.70
CA ALA A 80 -11.77 16.42 4.94
C ALA A 80 -12.39 15.77 3.79
N LEU A 81 -13.51 15.09 4.00
CA LEU A 81 -14.09 14.27 2.92
C LEU A 81 -14.60 15.15 1.71
N ASP A 82 -15.25 16.24 2.02
CA ASP A 82 -15.63 17.21 1.01
C ASP A 82 -14.39 17.76 0.27
N ALA A 83 -13.31 18.07 0.99
CA ALA A 83 -12.15 18.65 0.35
C ALA A 83 -11.46 17.72 -0.63
N VAL A 84 -11.29 16.48 -0.20
CA VAL A 84 -10.63 15.53 -1.03
C VAL A 84 -11.47 15.16 -2.23
N ARG A 85 -12.79 15.05 -2.05
CA ARG A 85 -13.64 14.83 -3.23
C ARG A 85 -13.52 16.04 -4.22
N GLU A 86 -13.59 17.27 -3.72
CA GLU A 86 -13.46 18.48 -4.56
C GLU A 86 -12.11 18.50 -5.24
N MET A 87 -11.07 18.23 -4.45
CA MET A 87 -9.72 18.17 -5.00
C MET A 87 -9.56 17.18 -6.13
N ASN A 88 -10.05 15.96 -5.96
CA ASN A 88 -9.95 14.95 -7.01
C ASN A 88 -10.84 15.23 -8.27
N ASP A 89 -11.86 16.04 -8.11
CA ASP A 89 -12.71 16.45 -9.25
C ASP A 89 -12.14 17.64 -9.99
N LEU A 90 -11.14 18.35 -9.46
CA LEU A 90 -10.48 19.43 -10.20
C LEU A 90 -9.76 18.97 -11.50
N PRO A 91 -9.86 19.75 -12.58
CA PRO A 91 -9.18 19.28 -13.77
C PRO A 91 -7.69 19.25 -13.49
N ASP A 92 -6.98 18.34 -14.15
CA ASP A 92 -5.51 18.32 -14.11
C ASP A 92 -5.02 18.12 -12.66
N THR A 93 -5.80 17.40 -11.88
CA THR A 93 -5.48 17.10 -10.47
C THR A 93 -5.74 15.61 -10.19
N GLN A 94 -4.77 14.97 -9.52
CA GLN A 94 -4.93 13.55 -9.11
C GLN A 94 -4.63 13.38 -7.62
N VAL A 95 -5.53 12.72 -6.91
CA VAL A 95 -5.38 12.47 -5.50
C VAL A 95 -5.08 11.00 -5.28
N PHE A 96 -4.06 10.71 -4.47
CA PHE A 96 -3.87 9.38 -3.93
C PHE A 96 -3.90 9.45 -2.41
N ILE A 97 -4.38 8.40 -1.80
CA ILE A 97 -4.42 8.37 -0.31
C ILE A 97 -3.22 7.53 0.11
N CYS A 98 -2.23 8.17 0.70
CA CYS A 98 -0.87 7.59 0.89
C CYS A 98 -0.58 7.47 2.37
N THR A 99 -0.68 6.22 2.89
CA THR A 99 -0.81 5.93 4.36
C THR A 99 0.09 4.74 4.70
N SER A 100 0.65 4.79 5.90
CA SER A 100 1.49 3.76 6.45
C SER A 100 0.72 2.87 7.42
N PRO A 101 0.84 1.57 7.23
CA PRO A 101 0.18 0.70 8.23
C PRO A 101 1.09 0.58 9.49
N LEU A 102 0.48 0.26 10.61
CA LEU A 102 1.25 -0.21 11.76
C LEU A 102 2.06 -1.43 11.36
N LEU A 103 3.19 -1.60 12.02
CA LEU A 103 3.97 -2.84 11.98
C LEU A 103 3.11 -4.00 12.45
N LYS A 104 2.33 -3.79 13.49
CA LYS A 104 1.22 -4.70 13.82
C LYS A 104 0.03 -4.52 12.87
N TYR A 105 0.14 -5.09 11.70
CA TYR A 105 -0.75 -4.69 10.60
C TYR A 105 -2.11 -5.37 10.61
N HIS A 106 -2.24 -6.49 11.37
CA HIS A 106 -3.43 -7.41 11.29
C HIS A 106 -4.81 -6.71 11.25
N HIS A 107 -5.07 -5.72 12.10
CA HIS A 107 -6.40 -5.05 12.10
C HIS A 107 -6.29 -3.62 11.59
N CYS A 108 -5.21 -3.33 10.86
CA CYS A 108 -4.99 -2.01 10.29
C CYS A 108 -5.26 -1.99 8.79
N VAL A 109 -4.60 -2.90 8.10
CA VAL A 109 -4.52 -2.87 6.66
C VAL A 109 -5.89 -3.01 6.00
N GLY A 110 -6.65 -4.05 6.34
CA GLY A 110 -8.04 -4.23 5.79
C GLY A 110 -8.98 -3.16 6.24
N GLU A 111 -8.89 -2.79 7.54
CA GLU A 111 -9.73 -1.73 8.04
C GLU A 111 -9.55 -0.35 7.35
N LYS A 112 -8.32 0.01 6.95
CA LYS A 112 -8.11 1.26 6.23
C LYS A 112 -8.75 1.25 4.87
N TYR A 113 -8.65 0.12 4.18
CA TYR A 113 -9.33 -0.07 2.87
C TYR A 113 -10.86 0.05 3.06
N ARG A 114 -11.39 -0.59 4.07
CA ARG A 114 -12.84 -0.53 4.31
C ARG A 114 -13.29 0.85 4.74
N TRP A 115 -12.49 1.54 5.56
CA TRP A 115 -12.78 2.97 5.89
C TRP A 115 -12.91 3.88 4.67
N VAL A 116 -11.97 3.78 3.75
CA VAL A 116 -12.00 4.58 2.55
C VAL A 116 -13.23 4.16 1.72
N GLU A 117 -13.40 2.86 1.57
CA GLU A 117 -14.59 2.37 0.78
C GLU A 117 -15.92 2.97 1.37
N GLN A 118 -16.08 2.93 2.67
CA GLN A 118 -17.34 3.45 3.27
C GLN A 118 -17.47 4.96 3.21
N HIS A 119 -16.36 5.70 3.49
CA HIS A 119 -16.46 7.13 3.60
C HIS A 119 -16.24 7.87 2.29
N LEU A 120 -15.49 7.29 1.39
CA LEU A 120 -15.19 7.92 0.10
C LEU A 120 -15.59 7.15 -1.18
N GLY A 121 -15.83 5.87 -1.05
CA GLY A 121 -16.28 5.04 -2.12
C GLY A 121 -15.19 4.31 -2.91
N PRO A 122 -15.63 3.45 -3.82
CA PRO A 122 -14.68 2.59 -4.53
C PRO A 122 -13.70 3.33 -5.39
N GLN A 123 -14.07 4.51 -5.87
CA GLN A 123 -13.18 5.29 -6.66
C GLN A 123 -11.92 5.75 -5.89
N PHE A 124 -12.01 5.92 -4.57
CA PHE A 124 -10.84 6.30 -3.79
C PHE A 124 -10.10 5.07 -3.26
N VAL A 125 -10.79 3.94 -3.18
CA VAL A 125 -10.12 2.64 -2.81
C VAL A 125 -9.03 2.36 -3.81
N GLU A 126 -9.36 2.62 -5.07
CA GLU A 126 -8.36 2.50 -6.16
C GLU A 126 -7.18 3.44 -6.06
N ARG A 127 -7.26 4.47 -5.19
CA ARG A 127 -6.24 5.45 -5.08
C ARG A 127 -5.43 5.29 -3.78
N ILE A 128 -5.63 4.17 -3.05
CA ILE A 128 -4.84 3.95 -1.86
C ILE A 128 -3.43 3.46 -2.23
N ILE A 129 -2.43 4.06 -1.62
CA ILE A 129 -1.13 3.56 -1.58
C ILE A 129 -0.76 3.29 -0.11
N LEU A 130 -0.48 2.01 0.22
CA LEU A 130 0.01 1.66 1.55
C LEU A 130 1.50 1.47 1.48
N THR A 131 2.23 2.20 2.29
CA THR A 131 3.68 2.12 2.26
C THR A 131 4.20 2.63 3.58
N ARG A 132 5.27 2.02 4.07
CA ARG A 132 6.03 2.58 5.19
C ARG A 132 7.01 3.66 4.83
N ASP A 133 7.27 3.87 3.53
CA ASP A 133 8.19 4.92 3.08
C ASP A 133 7.46 5.73 2.05
N LYS A 134 7.05 6.95 2.44
CA LYS A 134 6.31 7.81 1.51
C LYS A 134 7.26 8.48 0.55
N THR A 135 8.55 8.46 0.88
CA THR A 135 9.55 9.14 0.01
C THR A 135 9.77 8.46 -1.31
N VAL A 136 9.41 7.19 -1.45
CA VAL A 136 9.55 6.54 -2.75
C VAL A 136 8.27 6.65 -3.57
N VAL A 137 7.31 7.48 -3.15
CA VAL A 137 6.07 7.70 -3.91
C VAL A 137 6.23 9.04 -4.59
N LEU A 138 5.97 9.06 -5.90
CA LEU A 138 6.08 10.26 -6.69
C LEU A 138 4.80 11.13 -6.66
N GLY A 139 4.99 12.40 -6.35
CA GLY A 139 3.93 13.40 -6.43
C GLY A 139 4.46 14.79 -6.21
N ASP A 140 3.58 15.75 -6.32
CA ASP A 140 3.95 17.17 -6.18
C ASP A 140 3.83 17.62 -4.74
N LEU A 141 2.82 17.11 -4.03
CA LEU A 141 2.56 17.49 -2.67
C LEU A 141 2.18 16.29 -1.83
N LEU A 142 2.58 16.35 -0.55
CA LEU A 142 2.18 15.35 0.42
C LEU A 142 1.62 16.16 1.59
N ILE A 143 0.35 15.88 1.92
CA ILE A 143 -0.33 16.50 3.04
C ILE A 143 -0.41 15.49 4.20
N ASP A 144 0.28 15.78 5.27
CA ASP A 144 0.48 14.77 6.32
C ASP A 144 0.61 15.55 7.65
N ASP A 145 0.28 14.94 8.79
CA ASP A 145 0.31 15.71 10.07
C ASP A 145 1.58 15.45 10.86
N LYS A 146 2.53 14.79 10.24
CA LYS A 146 3.80 14.40 10.91
C LYS A 146 4.85 15.42 10.54
N ASP A 147 5.65 15.83 11.54
CA ASP A 147 6.56 16.95 11.41
C ASP A 147 7.58 16.72 10.34
N THR A 148 8.22 15.56 10.36
CA THR A 148 9.16 15.21 9.29
C THR A 148 8.69 13.92 8.67
N VAL A 149 8.80 13.81 7.36
CA VAL A 149 8.48 12.56 6.69
C VAL A 149 9.76 12.07 6.03
N ARG A 150 10.29 10.95 6.54
CA ARG A 150 11.60 10.44 6.20
C ARG A 150 11.53 9.05 5.50
N GLY A 151 12.62 8.69 4.81
CA GLY A 151 12.72 7.43 4.13
C GLY A 151 13.92 7.36 3.23
N GLN A 152 13.87 6.52 2.23
CA GLN A 152 15.03 6.25 1.43
C GLN A 152 15.39 7.30 0.41
N GLU A 153 14.50 8.22 0.05
CA GLU A 153 14.90 9.29 -0.91
C GLU A 153 15.23 10.48 -0.08
N GLU A 154 16.49 10.91 -0.17
CA GLU A 154 16.97 12.04 0.60
C GLU A 154 16.21 13.27 0.18
N THR A 155 15.87 13.35 -1.12
CA THR A 155 15.12 14.48 -1.62
C THR A 155 13.83 14.00 -2.29
N PRO A 156 12.73 13.93 -1.53
CA PRO A 156 11.49 13.45 -2.12
C PRO A 156 11.05 14.35 -3.25
N SER A 157 10.26 13.83 -4.18
CA SER A 157 9.74 14.60 -5.30
C SER A 157 8.73 15.60 -4.79
N TRP A 158 7.95 15.24 -3.76
CA TRP A 158 6.89 16.10 -3.27
C TRP A 158 7.34 17.13 -2.27
N GLU A 159 6.60 18.21 -2.16
CA GLU A 159 6.69 19.17 -1.07
C GLU A 159 5.72 18.73 0.01
N HIS A 160 6.22 18.73 1.23
CA HIS A 160 5.46 18.32 2.43
C HIS A 160 4.71 19.52 2.99
N ILE A 161 3.39 19.40 3.06
CA ILE A 161 2.53 20.38 3.64
C ILE A 161 2.09 19.82 4.98
N LEU A 162 2.43 20.49 6.06
CA LEU A 162 2.06 20.02 7.35
C LEU A 162 0.60 20.36 7.59
N PHE A 163 -0.18 19.34 7.85
CA PHE A 163 -1.56 19.52 8.22
C PHE A 163 -1.70 19.57 9.73
N THR A 164 -2.39 20.59 10.23
CA THR A 164 -2.43 20.87 11.67
C THR A 164 -3.29 19.85 12.46
N CYS A 165 -2.71 19.32 13.54
CA CYS A 165 -3.38 18.38 14.41
C CYS A 165 -2.96 18.79 15.85
N CYS A 166 -3.78 18.43 16.82
CA CYS A 166 -3.48 18.72 18.24
C CYS A 166 -1.99 18.50 18.62
N HIS A 167 -1.35 17.40 18.16
CA HIS A 167 0.04 17.05 18.58
C HIS A 167 1.15 17.83 17.89
N ASN A 168 0.84 18.48 16.77
CA ASN A 168 1.77 19.34 16.02
C ASN A 168 1.49 20.84 16.02
N ARG A 169 0.36 21.25 16.63
CA ARG A 169 -0.06 22.64 16.68
C ARG A 169 1.04 23.58 17.28
N HIS A 170 1.79 23.10 18.27
CA HIS A 170 2.79 23.93 18.98
C HIS A 170 4.03 24.28 18.12
N LEU A 171 4.28 23.48 17.09
CA LEU A 171 5.38 23.74 16.20
C LEU A 171 5.10 25.02 15.44
N VAL A 172 6.18 25.76 15.20
CA VAL A 172 6.10 27.02 14.48
C VAL A 172 7.04 26.76 13.32
N LEU A 173 6.46 26.79 12.12
CA LEU A 173 7.22 26.50 10.92
C LEU A 173 8.09 27.69 10.50
N PRO A 174 9.27 27.41 9.97
CA PRO A 174 10.00 28.48 9.26
C PRO A 174 9.23 29.01 8.02
N PRO A 175 9.32 30.33 7.71
CA PRO A 175 8.62 30.93 6.51
C PRO A 175 8.75 30.18 5.18
N THR A 176 9.78 29.34 5.07
CA THR A 176 10.10 28.56 3.89
C THR A 176 9.27 27.28 3.75
N ARG A 177 8.52 26.93 4.80
CA ARG A 177 7.65 25.76 4.77
C ARG A 177 6.21 26.12 4.97
N ARG A 178 5.34 25.25 4.50
CA ARG A 178 3.95 25.60 4.51
C ARG A 178 3.12 24.66 5.34
N ARG A 179 2.06 25.22 5.89
CA ARG A 179 1.19 24.55 6.83
C ARG A 179 -0.22 24.73 6.27
N LEU A 180 -1.09 23.75 6.49
CA LEU A 180 -2.50 23.93 6.32
C LEU A 180 -3.08 23.88 7.71
N LEU A 181 -3.80 24.92 8.09
CA LEU A 181 -4.39 24.96 9.42
C LEU A 181 -5.57 24.07 9.58
N SER A 182 -6.29 23.83 8.48
CA SER A 182 -7.48 23.02 8.50
C SER A 182 -7.89 22.85 7.03
N TRP A 183 -8.91 22.05 6.75
CA TRP A 183 -9.40 21.98 5.38
C TRP A 183 -10.13 23.25 4.88
N SER A 184 -10.46 24.16 5.79
CA SER A 184 -11.00 25.46 5.36
C SER A 184 -9.88 26.50 5.06
N ASP A 185 -8.63 26.18 5.37
CA ASP A 185 -7.50 26.99 5.02
C ASP A 185 -7.37 26.83 3.48
N ASN A 186 -6.44 27.49 2.84
CA ASN A 186 -6.56 27.61 1.37
C ASN A 186 -5.78 26.63 0.62
N TRP A 187 -6.27 25.41 0.60
CA TRP A 187 -5.50 24.37 -0.04
C TRP A 187 -5.47 24.57 -1.53
N ARG A 188 -6.48 25.24 -2.07
CA ARG A 188 -6.49 25.43 -3.52
C ARG A 188 -5.25 26.23 -4.02
N GLU A 189 -4.82 27.20 -3.27
CA GLU A 189 -3.68 27.97 -3.62
C GLU A 189 -2.39 27.19 -3.61
N ILE A 190 -2.29 26.26 -2.67
CA ILE A 190 -1.11 25.43 -2.62
C ILE A 190 -1.04 24.58 -3.86
N LEU A 191 -2.16 24.00 -4.25
CA LEU A 191 -2.16 23.17 -5.43
C LEU A 191 -1.80 24.06 -6.65
N ASP A 192 -2.40 25.22 -6.72
CA ASP A 192 -2.15 26.18 -7.83
C ASP A 192 -0.69 26.50 -7.97
N SER A 193 0.03 26.57 -6.84
CA SER A 193 1.43 26.93 -6.88
C SER A 193 2.22 25.89 -7.65
N LYS A 194 1.61 24.72 -7.92
CA LYS A 194 2.31 23.68 -8.63
C LYS A 194 1.86 23.57 -10.07
N ARG A 195 0.94 24.41 -10.52
CA ARG A 195 0.39 24.22 -11.85
C ARG A 195 1.23 24.95 -12.86
N SER B 4 23.04 3.40 -5.25
CA SER B 4 22.04 2.42 -4.71
C SER B 4 20.93 2.08 -5.73
N VAL B 5 20.77 0.78 -6.02
CA VAL B 5 19.78 0.33 -6.99
C VAL B 5 18.51 -0.10 -6.20
N ARG B 6 17.36 0.43 -6.59
CA ARG B 6 16.06 0.05 -5.96
C ARG B 6 15.28 -0.83 -6.88
N VAL B 7 14.93 -2.02 -6.42
CA VAL B 7 14.23 -3.01 -7.20
C VAL B 7 12.84 -3.21 -6.62
N LEU B 8 11.83 -3.04 -7.46
CA LEU B 8 10.50 -3.28 -7.13
C LEU B 8 10.18 -4.65 -7.65
N VAL B 9 9.65 -5.49 -6.77
CA VAL B 9 9.32 -6.85 -7.09
C VAL B 9 7.90 -7.12 -6.83
N ASP B 10 7.19 -7.47 -7.91
CA ASP B 10 5.83 -7.87 -7.87
C ASP B 10 5.64 -9.15 -7.05
N MET B 11 4.42 -9.43 -6.63
CA MET B 11 4.10 -10.61 -5.84
C MET B 11 3.54 -11.73 -6.71
N ASP B 12 2.34 -11.52 -7.26
CA ASP B 12 1.72 -12.59 -8.06
C ASP B 12 2.53 -12.87 -9.32
N GLY B 13 2.93 -14.15 -9.45
CA GLY B 13 3.66 -14.67 -10.61
C GLY B 13 5.15 -14.46 -10.55
N VAL B 14 5.63 -13.83 -9.46
CA VAL B 14 7.03 -13.55 -9.32
C VAL B 14 7.53 -14.13 -8.00
N LEU B 15 6.83 -13.83 -6.90
CA LEU B 15 7.14 -14.45 -5.59
C LEU B 15 6.16 -15.52 -5.21
N ALA B 16 4.89 -15.30 -5.55
CA ALA B 16 3.79 -16.13 -5.12
C ALA B 16 3.11 -16.77 -6.37
N ASP B 17 2.87 -18.06 -6.35
CA ASP B 17 2.47 -18.74 -7.60
C ASP B 17 0.95 -18.67 -7.75
N PHE B 18 0.50 -17.56 -8.27
CA PHE B 18 -0.91 -17.30 -8.37
C PHE B 18 -1.55 -18.28 -9.35
N GLU B 19 -0.88 -18.52 -10.49
CA GLU B 19 -1.47 -19.33 -11.56
C GLU B 19 -1.66 -20.75 -11.10
N ALA B 20 -0.65 -21.30 -10.43
CA ALA B 20 -0.78 -22.65 -9.96
C ALA B 20 -1.84 -22.76 -8.91
N GLY B 21 -1.89 -21.78 -8.01
CA GLY B 21 -2.88 -21.76 -6.94
C GLY B 21 -4.30 -21.62 -7.51
N LEU B 22 -4.45 -20.81 -8.55
CA LEU B 22 -5.77 -20.58 -9.13
C LEU B 22 -6.24 -21.90 -9.77
N LEU B 23 -5.33 -22.55 -10.51
CA LEU B 23 -5.68 -23.81 -11.21
C LEU B 23 -5.98 -24.90 -10.20
N ARG B 24 -5.16 -25.02 -9.15
CA ARG B 24 -5.41 -26.02 -8.12
C ARG B 24 -6.74 -25.81 -7.44
N GLY B 25 -7.06 -24.56 -7.14
CA GLY B 25 -8.29 -24.21 -6.43
C GLY B 25 -9.49 -24.45 -7.35
N PHE B 26 -9.36 -24.10 -8.61
CA PHE B 26 -10.42 -24.33 -9.58
C PHE B 26 -10.71 -25.83 -9.75
N ARG B 27 -9.66 -26.65 -9.91
CA ARG B 27 -9.88 -28.13 -10.09
C ARG B 27 -10.46 -28.72 -8.84
N ARG B 28 -10.03 -28.21 -7.70
CA ARG B 28 -10.52 -28.69 -6.41
CA ARG B 28 -10.53 -28.65 -6.41
C ARG B 28 -12.01 -28.37 -6.27
N ARG B 29 -12.40 -27.14 -6.55
CA ARG B 29 -13.77 -26.77 -6.27
C ARG B 29 -14.75 -27.07 -7.41
N PHE B 30 -14.23 -27.13 -8.65
CA PHE B 30 -15.02 -27.43 -9.86
C PHE B 30 -14.44 -28.60 -10.64
N PRO B 31 -14.41 -29.79 -9.99
CA PRO B 31 -13.66 -30.93 -10.50
C PRO B 31 -14.19 -31.46 -11.82
N GLU B 32 -15.45 -31.19 -12.16
CA GLU B 32 -16.02 -31.71 -13.41
C GLU B 32 -15.68 -30.79 -14.59
N GLU B 33 -15.39 -29.50 -14.29
CA GLU B 33 -15.35 -28.46 -15.33
C GLU B 33 -14.10 -28.57 -16.17
N PRO B 34 -14.15 -28.10 -17.40
CA PRO B 34 -12.93 -28.00 -18.20
C PRO B 34 -12.04 -26.99 -17.52
N HIS B 35 -10.73 -27.03 -17.75
CA HIS B 35 -9.86 -26.03 -17.17
C HIS B 35 -8.85 -25.65 -18.23
N VAL B 36 -8.00 -24.69 -17.89
CA VAL B 36 -6.96 -24.23 -18.80
C VAL B 36 -5.64 -24.69 -18.20
N PRO B 37 -4.98 -25.64 -18.87
CA PRO B 37 -3.65 -26.05 -18.41
C PRO B 37 -2.74 -24.85 -18.42
N LEU B 38 -1.82 -24.83 -17.46
CA LEU B 38 -0.91 -23.73 -17.35
C LEU B 38 -0.15 -23.46 -18.64
N GLU B 39 0.25 -24.51 -19.36
CA GLU B 39 1.04 -24.31 -20.57
C GLU B 39 0.22 -23.64 -21.66
N GLN B 40 -1.09 -23.78 -21.58
CA GLN B 40 -1.98 -23.09 -22.53
C GLN B 40 -2.49 -21.72 -22.08
N ARG B 41 -2.08 -21.26 -20.89
CA ARG B 41 -2.52 -19.95 -20.42
C ARG B 41 -1.94 -18.90 -21.32
N ARG B 42 -2.76 -17.93 -21.66
CA ARG B 42 -2.31 -16.81 -22.48
C ARG B 42 -3.02 -15.58 -21.99
N GLY B 43 -2.25 -14.54 -21.75
CA GLY B 43 -2.84 -13.31 -21.27
C GLY B 43 -2.93 -13.34 -19.76
N PHE B 44 -2.53 -12.21 -19.19
CA PHE B 44 -2.54 -11.91 -17.78
C PHE B 44 -3.85 -12.30 -17.06
N LEU B 45 -4.98 -12.08 -17.72
CA LEU B 45 -6.29 -12.25 -17.10
C LEU B 45 -6.88 -13.64 -17.29
N ALA B 46 -6.71 -14.45 -16.28
CA ALA B 46 -7.14 -15.84 -16.32
C ALA B 46 -8.63 -15.91 -16.47
N ARG B 47 -9.34 -15.00 -15.81
CA ARG B 47 -10.77 -15.02 -15.89
C ARG B 47 -11.27 -14.89 -17.35
N GLU B 48 -10.59 -14.07 -18.15
CA GLU B 48 -11.03 -13.86 -19.55
C GLU B 48 -10.76 -15.06 -20.45
N GLN B 49 -9.68 -15.77 -20.22
CA GLN B 49 -9.45 -16.98 -20.95
C GLN B 49 -10.48 -18.04 -20.56
N TYR B 50 -10.82 -18.15 -19.26
CA TYR B 50 -11.90 -19.08 -18.85
C TYR B 50 -13.22 -18.69 -19.52
N ARG B 51 -13.49 -17.40 -19.53
CA ARG B 51 -14.69 -16.91 -20.21
C ARG B 51 -14.74 -17.36 -21.67
N ALA B 52 -13.60 -17.30 -22.35
CA ALA B 52 -13.53 -17.73 -23.75
C ALA B 52 -13.71 -19.24 -23.89
N LEU B 53 -13.23 -20.00 -22.93
CA LEU B 53 -13.44 -21.44 -22.91
C LEU B 53 -14.93 -21.72 -22.77
N ARG B 54 -15.61 -21.04 -21.87
CA ARG B 54 -17.07 -21.14 -21.79
C ARG B 54 -17.57 -20.05 -20.85
N PRO B 55 -18.56 -19.23 -21.27
CA PRO B 55 -18.91 -18.01 -20.50
C PRO B 55 -19.09 -18.15 -18.98
N ASP B 56 -19.79 -19.17 -18.50
CA ASP B 56 -20.04 -19.19 -17.04
C ASP B 56 -18.79 -19.61 -16.15
N LEU B 57 -17.69 -20.02 -16.80
CA LEU B 57 -16.45 -20.37 -16.12
C LEU B 57 -15.74 -19.09 -15.59
N ALA B 58 -16.08 -17.92 -16.18
CA ALA B 58 -15.53 -16.67 -15.69
C ALA B 58 -15.83 -16.45 -14.21
N ASP B 59 -17.07 -16.62 -13.79
CA ASP B 59 -17.42 -16.30 -12.41
C ASP B 59 -16.90 -17.42 -11.47
N LYS B 60 -16.83 -18.65 -12.00
CA LYS B 60 -16.35 -19.79 -11.19
C LYS B 60 -14.90 -19.60 -10.88
N VAL B 61 -14.11 -19.20 -11.88
CA VAL B 61 -12.69 -18.93 -11.63
C VAL B 61 -12.45 -17.68 -10.76
N ALA B 62 -13.27 -16.65 -10.91
CA ALA B 62 -13.23 -15.48 -10.00
C ALA B 62 -13.52 -15.86 -8.58
N SER B 63 -14.53 -16.69 -8.36
CA SER B 63 -14.88 -17.16 -7.01
C SER B 63 -13.70 -17.84 -6.29
N VAL B 64 -12.77 -18.40 -7.07
CA VAL B 64 -11.58 -19.02 -6.46
C VAL B 64 -10.63 -17.94 -5.87
N TYR B 65 -10.26 -16.96 -6.67
CA TYR B 65 -9.29 -15.98 -6.24
C TYR B 65 -9.88 -14.91 -5.33
N GLU B 66 -11.21 -14.81 -5.27
CA GLU B 66 -11.90 -13.98 -4.29
C GLU B 66 -12.17 -14.64 -2.94
N ALA B 67 -11.80 -15.92 -2.79
CA ALA B 67 -12.19 -16.63 -1.59
C ALA B 67 -11.19 -16.40 -0.44
N PRO B 68 -11.69 -16.45 0.76
CA PRO B 68 -10.82 -16.37 1.94
C PRO B 68 -9.74 -17.42 1.85
N GLY B 69 -8.52 -17.06 2.21
CA GLY B 69 -7.44 -18.01 2.18
C GLY B 69 -6.71 -18.09 0.89
N PHE B 70 -7.32 -17.66 -0.21
CA PHE B 70 -6.64 -17.91 -1.50
C PHE B 70 -5.23 -17.33 -1.56
N PHE B 71 -5.08 -16.05 -1.28
CA PHE B 71 -3.74 -15.43 -1.32
C PHE B 71 -2.84 -15.92 -0.23
N LEU B 72 -3.42 -16.15 0.92
CA LEU B 72 -2.64 -16.64 2.07
C LEU B 72 -1.92 -17.94 1.75
N ASP B 73 -2.60 -18.81 0.98
CA ASP B 73 -2.10 -20.17 0.71
C ASP B 73 -1.27 -20.35 -0.56
N LEU B 74 -1.03 -19.32 -1.31
CA LEU B 74 -0.25 -19.51 -2.50
C LEU B 74 1.16 -20.04 -2.10
N GLU B 75 1.69 -20.92 -2.95
CA GLU B 75 3.02 -21.45 -2.80
C GLU B 75 3.99 -20.45 -3.40
N PRO B 76 5.21 -20.37 -2.86
CA PRO B 76 6.19 -19.53 -3.53
C PRO B 76 6.59 -20.04 -4.92
N ILE B 77 6.92 -19.10 -5.78
CA ILE B 77 7.57 -19.35 -7.05
C ILE B 77 8.94 -20.00 -6.76
N PRO B 78 9.30 -21.08 -7.52
CA PRO B 78 10.62 -21.65 -7.25
C PRO B 78 11.72 -20.62 -7.30
N GLY B 79 12.58 -20.65 -6.30
CA GLY B 79 13.77 -19.82 -6.28
C GLY B 79 13.53 -18.38 -5.89
N ALA B 80 12.25 -17.98 -5.79
CA ALA B 80 11.93 -16.57 -5.60
C ALA B 80 12.40 -16.10 -4.26
N LEU B 81 12.07 -16.84 -3.22
CA LEU B 81 12.34 -16.35 -1.88
C LEU B 81 13.85 -16.19 -1.61
N ASP B 82 14.62 -17.19 -1.99
CA ASP B 82 16.06 -17.10 -1.88
C ASP B 82 16.58 -15.89 -2.64
N ALA B 83 16.06 -15.67 -3.84
CA ALA B 83 16.59 -14.59 -4.69
C ALA B 83 16.37 -13.23 -4.08
N VAL B 84 15.15 -13.00 -3.58
CA VAL B 84 14.82 -11.72 -3.02
C VAL B 84 15.54 -11.50 -1.70
N ARG B 85 15.75 -12.56 -0.90
CA ARG B 85 16.61 -12.44 0.30
C ARG B 85 18.06 -12.06 -0.07
N GLU B 86 18.63 -12.77 -1.05
CA GLU B 86 19.99 -12.48 -1.52
C GLU B 86 20.05 -11.06 -2.06
N MET B 87 19.07 -10.71 -2.91
CA MET B 87 19.02 -9.39 -3.51
C MET B 87 19.03 -8.29 -2.45
N ASN B 88 18.16 -8.40 -1.43
CA ASN B 88 18.07 -7.33 -0.45
C ASN B 88 19.28 -7.27 0.46
N ASP B 89 20.06 -8.36 0.53
CA ASP B 89 21.33 -8.34 1.29
C ASP B 89 22.53 -7.84 0.49
N LEU B 90 22.40 -7.70 -0.81
CA LEU B 90 23.46 -7.06 -1.58
C LEU B 90 23.72 -5.60 -1.13
N PRO B 91 24.99 -5.21 -1.02
CA PRO B 91 25.21 -3.80 -0.69
C PRO B 91 24.61 -2.89 -1.76
N ASP B 92 24.22 -1.70 -1.36
CA ASP B 92 23.77 -0.67 -2.27
C ASP B 92 22.60 -1.20 -3.11
N THR B 93 21.77 -2.02 -2.47
CA THR B 93 20.57 -2.56 -3.08
C THR B 93 19.39 -2.48 -2.07
N GLN B 94 18.25 -2.03 -2.56
CA GLN B 94 17.00 -1.95 -1.76
C GLN B 94 15.86 -2.59 -2.52
N VAL B 95 15.16 -3.51 -1.84
CA VAL B 95 14.06 -4.22 -2.40
C VAL B 95 12.78 -3.73 -1.75
N PHE B 96 11.77 -3.50 -2.57
CA PHE B 96 10.40 -3.31 -2.08
C PHE B 96 9.52 -4.29 -2.81
N ILE B 97 8.55 -4.81 -2.09
CA ILE B 97 7.57 -5.68 -2.68
C ILE B 97 6.40 -4.83 -3.08
N CYS B 98 6.22 -4.73 -4.39
CA CYS B 98 5.29 -3.76 -4.97
C CYS B 98 4.19 -4.51 -5.67
N THR B 99 2.98 -4.45 -5.08
CA THR B 99 1.87 -5.33 -5.47
C THR B 99 0.54 -4.57 -5.45
N SER B 100 -0.33 -4.95 -6.37
CA SER B 100 -1.64 -4.44 -6.48
C SER B 100 -2.69 -5.35 -5.87
N PRO B 101 -3.58 -4.79 -5.03
CA PRO B 101 -4.63 -5.61 -4.56
C PRO B 101 -5.76 -5.73 -5.57
N LEU B 102 -6.55 -6.79 -5.49
CA LEU B 102 -7.84 -6.81 -6.21
C LEU B 102 -8.74 -5.64 -5.80
N LEU B 103 -9.58 -5.18 -6.75
CA LEU B 103 -10.64 -4.29 -6.46
C LEU B 103 -11.55 -4.89 -5.38
N LYS B 104 -11.83 -6.19 -5.44
CA LYS B 104 -12.40 -6.91 -4.27
C LYS B 104 -11.30 -7.16 -3.27
N TYR B 105 -10.99 -6.17 -2.45
CA TYR B 105 -9.79 -6.21 -1.65
C TYR B 105 -9.94 -7.00 -0.33
N HIS B 106 -11.18 -7.24 0.11
CA HIS B 106 -11.47 -7.80 1.43
C HIS B 106 -10.56 -8.96 1.89
N HIS B 107 -10.34 -9.97 1.06
CA HIS B 107 -9.49 -11.12 1.47
C HIS B 107 -8.13 -11.12 0.83
N CYS B 108 -7.73 -9.96 0.32
CA CYS B 108 -6.51 -9.88 -0.46
C CYS B 108 -5.45 -9.12 0.35
N VAL B 109 -5.87 -7.99 0.86
CA VAL B 109 -4.94 -7.00 1.46
C VAL B 109 -4.26 -7.56 2.69
N GLY B 110 -5.02 -7.98 3.69
CA GLY B 110 -4.41 -8.60 4.94
C GLY B 110 -3.69 -9.88 4.63
N GLU B 111 -4.24 -10.70 3.71
CA GLU B 111 -3.59 -11.98 3.38
C GLU B 111 -2.21 -11.79 2.73
N LYS B 112 -2.03 -10.73 1.95
CA LYS B 112 -0.73 -10.51 1.30
C LYS B 112 0.30 -10.12 2.34
N TYR B 113 -0.09 -9.31 3.31
CA TYR B 113 0.82 -8.91 4.40
C TYR B 113 1.23 -10.16 5.19
N ARG B 114 0.24 -10.99 5.45
CA ARG B 114 0.50 -12.25 6.20
C ARG B 114 1.34 -13.21 5.38
N TRP B 115 1.09 -13.35 4.07
CA TRP B 115 1.98 -14.16 3.24
C TRP B 115 3.44 -13.75 3.32
N VAL B 116 3.69 -12.44 3.21
CA VAL B 116 5.07 -11.95 3.26
C VAL B 116 5.62 -12.21 4.63
N GLU B 117 4.83 -11.90 5.65
CA GLU B 117 5.36 -12.10 7.01
C GLU B 117 5.83 -13.58 7.17
N GLN B 118 4.97 -14.52 6.79
CA GLN B 118 5.31 -15.95 6.99
C GLN B 118 6.47 -16.42 6.13
N HIS B 119 6.48 -16.03 4.86
CA HIS B 119 7.48 -16.57 3.93
C HIS B 119 8.77 -15.81 3.91
N LEU B 120 8.73 -14.52 4.26
CA LEU B 120 9.94 -13.66 4.24
C LEU B 120 10.31 -12.98 5.54
N GLY B 121 9.36 -12.85 6.45
CA GLY B 121 9.57 -12.26 7.72
C GLY B 121 9.25 -10.78 7.88
N PRO B 122 9.32 -10.31 9.13
CA PRO B 122 8.84 -8.93 9.41
C PRO B 122 9.66 -7.87 8.71
N GLN B 123 10.92 -8.16 8.46
CA GLN B 123 11.75 -7.22 7.73
C GLN B 123 11.22 -6.90 6.29
N PHE B 124 10.56 -7.87 5.63
CA PHE B 124 10.01 -7.64 4.30
C PHE B 124 8.62 -7.05 4.37
N VAL B 125 7.91 -7.29 5.47
CA VAL B 125 6.59 -6.65 5.70
C VAL B 125 6.71 -5.13 5.64
N GLU B 126 7.76 -4.61 6.27
CA GLU B 126 8.12 -3.19 6.15
C GLU B 126 8.42 -2.68 4.72
N ARG B 127 8.70 -3.58 3.77
CA ARG B 127 9.03 -3.21 2.44
C ARG B 127 7.89 -3.44 1.46
N ILE B 128 6.66 -3.67 1.97
CA ILE B 128 5.52 -3.82 1.09
C ILE B 128 4.99 -2.42 0.70
N ILE B 129 4.71 -2.30 -0.58
CA ILE B 129 3.98 -1.21 -1.13
C ILE B 129 2.76 -1.79 -1.84
N LEU B 130 1.58 -1.46 -1.33
CA LEU B 130 0.34 -1.80 -2.03
C LEU B 130 -0.13 -0.60 -2.83
N THR B 131 -0.39 -0.82 -4.13
CA THR B 131 -0.84 0.25 -5.02
C THR B 131 -1.44 -0.38 -6.24
N ARG B 132 -2.44 0.24 -6.79
CA ARG B 132 -2.97 -0.12 -8.12
C ARG B 132 -2.18 0.57 -9.27
N ASP B 133 -1.26 1.50 -8.97
CA ASP B 133 -0.48 2.20 -9.96
C ASP B 133 0.96 2.12 -9.57
N LYS B 134 1.70 1.22 -10.24
CA LYS B 134 3.11 1.03 -9.97
C LYS B 134 3.97 2.13 -10.62
N THR B 135 3.39 2.91 -11.55
CA THR B 135 4.12 4.01 -12.21
C THR B 135 4.39 5.24 -11.35
N VAL B 136 3.64 5.40 -10.23
CA VAL B 136 4.00 6.41 -9.32
C VAL B 136 4.95 5.96 -8.20
N VAL B 137 5.49 4.76 -8.27
CA VAL B 137 6.50 4.32 -7.30
C VAL B 137 7.86 4.48 -7.95
N LEU B 138 8.75 5.07 -7.21
CA LEU B 138 10.08 5.36 -7.70
C LEU B 138 11.04 4.18 -7.48
N GLY B 139 11.69 3.74 -8.58
CA GLY B 139 12.75 2.76 -8.49
C GLY B 139 13.49 2.62 -9.82
N ASP B 140 14.53 1.79 -9.82
CA ASP B 140 15.34 1.53 -11.04
C ASP B 140 14.84 0.40 -11.91
N LEU B 141 14.33 -0.63 -11.25
CA LEU B 141 13.73 -1.76 -11.93
C LEU B 141 12.39 -2.17 -11.31
N LEU B 142 11.52 -2.71 -12.15
CA LEU B 142 10.34 -3.38 -11.71
C LEU B 142 10.34 -4.73 -12.38
N ILE B 143 10.30 -5.77 -11.55
CA ILE B 143 10.21 -7.14 -12.00
C ILE B 143 8.76 -7.64 -11.82
N ASP B 144 8.08 -7.92 -12.92
CA ASP B 144 6.64 -8.10 -12.90
C ASP B 144 6.29 -9.01 -14.10
N ASP B 145 5.26 -9.85 -13.98
CA ASP B 145 4.97 -10.84 -15.06
C ASP B 145 3.90 -10.36 -16.03
N LYS B 146 3.56 -9.07 -15.94
CA LYS B 146 2.50 -8.48 -16.76
C LYS B 146 3.19 -7.78 -17.95
N ASP B 147 2.58 -7.93 -19.14
CA ASP B 147 3.20 -7.53 -20.42
C ASP B 147 3.49 -6.05 -20.45
N THR B 148 2.48 -5.24 -20.11
CA THR B 148 2.66 -3.81 -19.97
C THR B 148 2.26 -3.45 -18.53
N VAL B 149 2.99 -2.50 -17.94
CA VAL B 149 2.60 -1.97 -16.62
C VAL B 149 2.33 -0.49 -16.80
N ARG B 150 1.07 -0.10 -16.65
CA ARG B 150 0.58 1.21 -17.00
C ARG B 150 0.05 1.98 -15.79
N GLY B 151 -0.07 3.29 -15.95
CA GLY B 151 -0.61 4.14 -14.89
C GLY B 151 -0.45 5.60 -15.21
N GLN B 152 -0.37 6.41 -14.16
CA GLN B 152 -0.42 7.84 -14.37
C GLN B 152 0.90 8.48 -14.78
N GLU B 153 2.02 7.81 -14.67
CA GLU B 153 3.26 8.36 -15.25
C GLU B 153 3.47 7.78 -16.58
N GLU B 154 3.47 8.64 -17.61
CA GLU B 154 3.64 8.13 -18.98
C GLU B 154 5.02 7.49 -19.16
N THR B 155 6.01 8.01 -18.44
CA THR B 155 7.35 7.46 -18.45
C THR B 155 7.78 7.15 -17.01
N PRO B 156 7.57 5.92 -16.59
CA PRO B 156 7.98 5.53 -15.23
C PRO B 156 9.46 5.68 -15.02
N SER B 157 9.88 5.83 -13.76
CA SER B 157 11.28 5.89 -13.40
C SER B 157 11.99 4.55 -13.65
N TRP B 158 11.30 3.42 -13.43
CA TRP B 158 11.93 2.11 -13.51
C TRP B 158 11.90 1.53 -14.91
N GLU B 159 12.81 0.61 -15.19
CA GLU B 159 12.76 -0.25 -16.34
C GLU B 159 12.03 -1.52 -15.95
N HIS B 160 11.05 -1.88 -16.77
CA HIS B 160 10.25 -3.06 -16.55
C HIS B 160 10.99 -4.26 -17.09
N ILE B 161 11.30 -5.20 -16.20
CA ILE B 161 11.84 -6.47 -16.58
C ILE B 161 10.69 -7.46 -16.54
N LEU B 162 10.39 -8.09 -17.67
CA LEU B 162 9.30 -9.06 -17.72
C LEU B 162 9.78 -10.35 -17.13
N PHE B 163 9.09 -10.80 -16.09
CA PHE B 163 9.38 -12.06 -15.48
C PHE B 163 8.52 -13.13 -16.11
N THR B 164 9.16 -14.22 -16.56
CA THR B 164 8.48 -15.26 -17.32
C THR B 164 7.50 -16.12 -16.47
N CYS B 165 6.27 -16.25 -16.97
CA CYS B 165 5.22 -17.03 -16.34
C CYS B 165 4.50 -17.77 -17.49
N CYS B 166 3.83 -18.87 -17.17
CA CYS B 166 3.10 -19.67 -18.17
C CYS B 166 2.29 -18.82 -19.17
N HIS B 167 1.60 -17.77 -18.68
CA HIS B 167 0.71 -16.94 -19.54
C HIS B 167 1.40 -15.94 -20.43
N ASN B 168 2.64 -15.59 -20.11
CA ASN B 168 3.43 -14.65 -20.92
C ASN B 168 4.61 -15.29 -21.71
N ARG B 169 4.84 -16.59 -21.50
CA ARG B 169 5.95 -17.32 -22.12
C ARG B 169 5.98 -17.16 -23.64
N HIS B 170 4.82 -17.10 -24.27
CA HIS B 170 4.74 -17.07 -25.73
C HIS B 170 4.63 -15.67 -26.41
N LEU B 171 4.96 -14.58 -25.73
CA LEU B 171 4.95 -13.23 -26.36
C LEU B 171 6.21 -12.88 -27.15
N ARG B 177 13.22 -4.33 -24.67
CA ARG B 177 12.49 -5.04 -23.59
C ARG B 177 13.27 -6.27 -23.10
N ARG B 178 13.69 -6.27 -21.83
CA ARG B 178 14.47 -7.40 -21.24
C ARG B 178 13.53 -8.31 -20.48
N ARG B 179 13.93 -9.57 -20.40
CA ARG B 179 13.15 -10.63 -19.82
C ARG B 179 14.01 -11.36 -18.80
N LEU B 180 13.39 -11.84 -17.74
CA LEU B 180 14.02 -12.80 -16.85
C LEU B 180 13.23 -14.08 -17.06
N LEU B 181 13.94 -15.14 -17.44
CA LEU B 181 13.27 -16.40 -17.69
C LEU B 181 12.84 -17.12 -16.40
N SER B 182 13.53 -16.90 -15.33
CA SER B 182 13.23 -17.55 -14.05
C SER B 182 14.13 -16.87 -13.03
N TRP B 183 13.98 -17.19 -11.76
CA TRP B 183 14.95 -16.67 -10.79
C TRP B 183 16.36 -17.27 -10.89
N SER B 184 16.50 -18.36 -11.64
CA SER B 184 17.79 -18.96 -11.98
C SER B 184 18.46 -18.28 -13.19
N ASP B 185 17.72 -17.43 -13.92
CA ASP B 185 18.28 -16.60 -14.98
C ASP B 185 19.17 -15.58 -14.28
N ASN B 186 19.87 -14.72 -15.01
CA ASN B 186 20.91 -13.94 -14.33
C ASN B 186 20.46 -12.56 -13.94
N TRP B 187 19.76 -12.49 -12.81
CA TRP B 187 19.19 -11.23 -12.35
C TRP B 187 20.27 -10.32 -11.80
N ARG B 188 21.36 -10.89 -11.34
CA ARG B 188 22.45 -10.06 -10.87
C ARG B 188 22.99 -9.12 -11.98
N GLU B 189 23.08 -9.61 -13.22
CA GLU B 189 23.61 -8.80 -14.35
C GLU B 189 22.68 -7.65 -14.65
N ILE B 190 21.38 -7.90 -14.55
CA ILE B 190 20.42 -6.81 -14.74
C ILE B 190 20.55 -5.72 -13.67
N LEU B 191 20.73 -6.13 -12.42
CA LEU B 191 20.90 -5.12 -11.36
C LEU B 191 22.17 -4.33 -11.60
N ASP B 192 23.24 -5.07 -11.96
CA ASP B 192 24.55 -4.47 -12.23
C ASP B 192 24.47 -3.42 -13.32
N SER B 193 23.62 -3.68 -14.32
CA SER B 193 23.48 -2.77 -15.44
C SER B 193 22.93 -1.43 -15.01
N LYS B 194 22.47 -1.31 -13.75
CA LYS B 194 22.02 -0.03 -13.17
C LYS B 194 22.95 0.60 -12.18
N ARG B 195 24.07 -0.02 -11.89
CA ARG B 195 24.92 0.48 -10.82
C ARG B 195 25.86 1.55 -11.34
MG MG C . -0.61 10.89 9.85
P PO4 D . -0.87 7.61 8.43
O1 PO4 D . 0.30 7.23 7.57
O2 PO4 D . -0.92 6.56 9.54
O3 PO4 D . -2.13 7.60 7.61
O4 PO4 D . -0.69 8.96 9.07
CAV 2O2 E . 2.15 4.81 11.22
CAW 2O2 E . 3.37 4.40 10.64
CAX 2O2 E . 4.61 4.75 11.19
CAY 2O2 E . 4.63 5.53 12.34
CAZ 2O2 E . 3.38 5.99 12.90
CAU 2O2 E . 2.15 5.65 12.33
CAB 2O2 E . 0.96 6.10 12.90
PAA 2O2 E . 0.11 7.43 11.83
OBB 2O2 E . -1.16 7.85 12.37
OBC 2O2 E . 1.06 8.56 11.87
OBA 2O2 E . 0.04 6.83 10.41
OAH 2O2 E . 1.30 6.40 14.39
OAD 2O2 E . 0.06 4.96 12.99
CAC 2O2 E . -1.13 5.27 13.78
CAE 2O2 E . -0.79 6.11 15.01
OAF 2O2 E . -0.33 5.14 16.12
CAG 2O2 E . 0.31 7.07 14.95
CAI 2O2 E . 0.63 7.20 16.53
CAJ 2O2 E . 0.42 5.91 17.05
N1 2O2 E . 1.66 5.17 17.25
C6 2O2 E . 2.10 4.32 16.26
C2 2O2 E . 2.28 5.24 18.45
O2 2O2 E . 1.87 5.96 19.36
N3 2O2 E . 3.45 4.49 18.65
C4 2O2 E . 3.94 3.69 17.63
O4 2O2 E . 4.99 3.09 17.88
C5 2O2 E . 3.24 3.61 16.41
CAR 2O2 E . 3.65 2.88 15.28
CAS 2O2 E . 4.67 1.83 15.48
PBD 2O2 E . 5.19 1.02 14.26
OBF 2O2 E . 6.39 1.63 13.77
OBG 2O2 E . 5.56 -0.26 14.87
OBE 2O2 E . 4.07 0.92 13.34
C1 GOL F . -1.10 10.68 12.70
O1 GOL F . 0.26 11.11 12.56
C2 GOL F . -1.58 10.30 14.11
O2 GOL F . -0.91 10.78 15.34
C3 GOL F . -3.02 10.74 14.12
O3 GOL F . -3.45 12.09 13.89
MG MG G . 1.94 -10.07 -11.37
P PO4 H . 0.23 -8.34 -8.18
O1 PO4 H . 0.99 -9.02 -9.31
O2 PO4 H . -1.17 -8.92 -8.14
O3 PO4 H . 1.02 -8.70 -6.97
O4 PO4 H . 0.14 -6.85 -8.50
CAV 2O2 I . -3.84 -7.09 -10.06
CAW 2O2 I . -4.40 -5.84 -10.33
CAX 2O2 I . -5.36 -5.70 -11.32
CAY 2O2 I . -5.80 -6.77 -12.05
CAZ 2O2 I . -5.23 -8.01 -11.81
CAU 2O2 I . -4.26 -8.18 -10.82
CAB 2O2 I . -3.75 -9.46 -10.62
PAA 2O2 I . -1.89 -9.44 -10.47
OBB 2O2 I . -1.45 -10.76 -10.92
OBC 2O2 I . -1.30 -8.31 -11.22
OBA 2O2 I . -1.76 -9.21 -9.00
OAH 2O2 I . -4.29 -10.26 -11.81
OAD 2O2 I . -4.28 -9.92 -9.35
CAC 2O2 I . -5.47 -10.64 -9.63
CAE 2O2 I . -5.23 -11.85 -10.44
OAF 2O2 I . -6.50 -12.24 -10.96
CAG 2O2 I . -4.36 -11.60 -11.65
CAI 2O2 I . -5.07 -12.21 -12.86
CAJ 2O2 I . -6.33 -12.71 -12.29
N1 2O2 I . -7.41 -11.81 -12.59
C6 2O2 I . -7.46 -10.72 -11.81
C2 2O2 I . -8.32 -12.09 -13.53
O2 2O2 I . -8.21 -13.13 -14.15
N3 2O2 I . -9.37 -11.20 -13.78
C4 2O2 I . -9.43 -10.03 -12.99
O4 2O2 I . -10.34 -9.21 -13.18
C5 2O2 I . -8.47 -9.83 -12.00
CAR 2O2 I . -8.44 -8.71 -11.22
CAS 2O2 I . -9.32 -7.57 -11.60
PBD 2O2 I . -9.12 -6.28 -10.77
OBF 2O2 I . -8.78 -5.26 -11.71
OBG 2O2 I . -10.38 -6.02 -10.08
OBE 2O2 I . -8.05 -6.53 -9.86
#